data_3FDQ
#
_entry.id   3FDQ
#
_cell.length_a   48.344
_cell.length_b   93.597
_cell.length_c   60.768
_cell.angle_alpha   90.00
_cell.angle_beta   113.41
_cell.angle_gamma   90.00
#
_symmetry.space_group_name_H-M   'P 1 21 1'
#
loop_
_entity.id
_entity.type
_entity.pdbx_description
1 polymer 'Motility gene repressor mogR'
2 polymer "5'-D(*AP*TP*TP*TP*TP*TP*TP*AP*AP*AP*AP*AP*AP*AP*T)-3'"
3 polymer "5'-D(*TP*AP*TP*TP*TP*TP*TP*TP*TP*AP*AP*AP*AP*AP*A)-3'"
4 water water
#
loop_
_entity_poly.entity_id
_entity_poly.type
_entity_poly.pdbx_seq_one_letter_code
_entity_poly.pdbx_strand_id
1 'polypeptide(L)'
;MPKSEIRKLLQEIKKQVDNPGNSSTTEIKKMASEAGIDEQTAEEIYHLLTEFYQAVEEHGGIEKYMHSNISWLKIELELL
SACYQIAILEDMKVLDISEMLSLNDLRIFPKTPSQLQNTYYKLKKELIQVEDIPKNKPGRKRKTQKNTKKEKTNIFGKVV
PALEHHHHHH
;
A,B
2 'polydeoxyribonucleotide' (DA)(DT)(DT)(DT)(DT)(DT)(DT)(DA)(DA)(DA)(DA)(DA)(DA)(DA)(DT) C
3 'polydeoxyribonucleotide' (DT)(DA)(DT)(DT)(DT)(DT)(DT)(DT)(DT)(DA)(DA)(DA)(DA)(DA)(DA) D
#
# COMPACT_ATOMS: atom_id res chain seq x y z
N SER A 4 -11.15 -9.80 -33.10
CA SER A 4 -11.89 -8.68 -32.45
C SER A 4 -10.99 -7.47 -32.20
N GLU A 5 -11.59 -6.28 -32.20
CA GLU A 5 -10.84 -5.06 -31.95
C GLU A 5 -11.25 -4.44 -30.62
N ILE A 6 -11.80 -5.27 -29.73
CA ILE A 6 -12.25 -4.77 -28.44
C ILE A 6 -11.11 -4.20 -27.61
N ARG A 7 -9.92 -4.80 -27.66
CA ARG A 7 -8.80 -4.26 -26.89
C ARG A 7 -8.43 -2.86 -27.36
N LYS A 8 -8.28 -2.68 -28.66
CA LYS A 8 -7.91 -1.34 -29.15
C LYS A 8 -9.02 -0.33 -28.88
N LEU A 9 -10.28 -0.76 -28.88
CA LEU A 9 -11.38 0.16 -28.57
C LEU A 9 -11.28 0.62 -27.12
N LEU A 10 -11.13 -0.32 -26.19
CA LEU A 10 -11.02 0.05 -24.78
C LEU A 10 -9.80 0.94 -24.56
N GLN A 11 -8.71 0.62 -25.24
CA GLN A 11 -7.49 1.41 -25.11
C GLN A 11 -7.76 2.86 -25.53
N GLU A 12 -8.47 3.04 -26.64
CA GLU A 12 -8.79 4.38 -27.11
C GLU A 12 -9.78 5.06 -26.17
N ILE A 13 -10.71 4.29 -25.61
CA ILE A 13 -11.65 4.88 -24.66
C ILE A 13 -10.87 5.47 -23.48
N LYS A 14 -9.91 4.71 -22.94
CA LYS A 14 -9.12 5.23 -21.82
C LYS A 14 -8.28 6.43 -22.27
N LYS A 15 -7.72 6.36 -23.47
CA LYS A 15 -6.91 7.47 -24.00
C LYS A 15 -7.73 8.76 -23.97
N GLN A 16 -9.01 8.66 -24.36
CA GLN A 16 -9.90 9.82 -24.38
C GLN A 16 -10.24 10.31 -22.98
N VAL A 17 -10.54 9.37 -22.08
CA VAL A 17 -10.85 9.73 -20.70
C VAL A 17 -9.68 10.45 -20.05
N ASP A 18 -8.46 10.02 -20.38
CA ASP A 18 -7.27 10.65 -19.81
C ASP A 18 -6.98 12.03 -20.42
N ASN A 19 -7.58 12.32 -21.56
CA ASN A 19 -7.39 13.61 -22.24
C ASN A 19 -8.62 13.87 -23.11
N PRO A 20 -9.77 14.15 -22.48
CA PRO A 20 -11.05 14.41 -23.14
C PRO A 20 -11.18 15.71 -23.92
N GLY A 21 -11.95 15.64 -25.00
CA GLY A 21 -12.22 16.80 -25.84
C GLY A 21 -13.67 16.73 -26.29
N ASN A 22 -14.16 17.75 -26.97
CA ASN A 22 -15.54 17.77 -27.43
C ASN A 22 -15.86 16.70 -28.49
N SER A 23 -14.83 16.07 -29.05
CA SER A 23 -15.07 15.05 -30.07
C SER A 23 -14.81 13.64 -29.55
N SER A 24 -14.45 13.52 -28.27
CA SER A 24 -14.16 12.22 -27.69
C SER A 24 -15.22 11.15 -27.92
N THR A 25 -16.46 11.42 -27.51
CA THR A 25 -17.51 10.42 -27.67
C THR A 25 -17.86 10.13 -29.12
N THR A 26 -17.68 11.12 -29.97
CA THR A 26 -17.98 10.93 -31.38
C THR A 26 -16.97 9.97 -31.99
N GLU A 27 -15.71 10.15 -31.62
CA GLU A 27 -14.62 9.32 -32.11
C GLU A 27 -14.79 7.88 -31.61
N ILE A 28 -15.22 7.74 -30.36
CA ILE A 28 -15.42 6.41 -29.79
C ILE A 28 -16.56 5.69 -30.51
N LYS A 29 -17.63 6.42 -30.81
CA LYS A 29 -18.77 5.83 -31.51
C LYS A 29 -18.33 5.32 -32.87
N LYS A 30 -17.55 6.15 -33.57
CA LYS A 30 -17.05 5.81 -34.90
C LYS A 30 -16.18 4.55 -34.84
N MET A 31 -15.25 4.52 -33.90
CA MET A 31 -14.35 3.38 -33.77
C MET A 31 -15.13 2.09 -33.47
N ALA A 32 -16.13 2.20 -32.58
CA ALA A 32 -16.94 1.04 -32.24
C ALA A 32 -17.70 0.57 -33.49
N SER A 33 -18.30 1.51 -34.20
CA SER A 33 -19.05 1.18 -35.41
C SER A 33 -18.20 0.44 -36.43
N GLU A 34 -17.02 0.98 -36.73
CA GLU A 34 -16.14 0.37 -37.71
C GLU A 34 -15.67 -1.02 -37.29
N ALA A 35 -15.70 -1.31 -36.00
CA ALA A 35 -15.28 -2.60 -35.48
C ALA A 35 -16.48 -3.53 -35.29
N GLY A 36 -17.68 -3.02 -35.52
CA GLY A 36 -18.86 -3.85 -35.35
C GLY A 36 -19.18 -4.10 -33.89
N ILE A 37 -18.64 -3.26 -33.01
CA ILE A 37 -18.89 -3.41 -31.57
C ILE A 37 -20.04 -2.51 -31.19
N ASP A 38 -20.90 -2.99 -30.32
CA ASP A 38 -22.08 -2.24 -29.89
C ASP A 38 -21.70 -0.85 -29.42
N GLU A 39 -22.24 0.16 -30.08
CA GLU A 39 -21.93 1.56 -29.75
C GLU A 39 -22.41 1.99 -28.38
N GLN A 40 -23.61 1.56 -27.99
CA GLN A 40 -24.14 1.96 -26.69
C GLN A 40 -23.28 1.49 -25.53
N THR A 41 -22.88 0.22 -25.55
CA THR A 41 -22.06 -0.31 -24.47
C THR A 41 -20.68 0.33 -24.47
N ALA A 42 -20.17 0.69 -25.65
CA ALA A 42 -18.88 1.36 -25.74
C ALA A 42 -18.96 2.73 -25.06
N GLU A 43 -20.02 3.48 -25.35
CA GLU A 43 -20.17 4.79 -24.74
C GLU A 43 -20.41 4.66 -23.23
N GLU A 44 -21.18 3.65 -22.83
CA GLU A 44 -21.45 3.45 -21.40
C GLU A 44 -20.14 3.29 -20.65
N ILE A 45 -19.22 2.52 -21.22
CA ILE A 45 -17.92 2.31 -20.60
C ILE A 45 -17.14 3.62 -20.51
N TYR A 46 -17.19 4.43 -21.56
CA TYR A 46 -16.49 5.71 -21.54
C TYR A 46 -17.01 6.55 -20.37
N HIS A 47 -18.32 6.56 -20.19
CA HIS A 47 -18.87 7.37 -19.11
C HIS A 47 -18.61 6.77 -17.73
N LEU A 48 -18.64 5.45 -17.62
CA LEU A 48 -18.36 4.82 -16.33
C LEU A 48 -16.89 5.06 -15.98
N LEU A 49 -16.01 4.95 -16.98
CA LEU A 49 -14.58 5.15 -16.74
C LEU A 49 -14.32 6.59 -16.31
N THR A 50 -15.00 7.54 -16.95
CA THR A 50 -14.82 8.94 -16.61
C THR A 50 -15.17 9.17 -15.14
N GLU A 51 -16.29 8.61 -14.71
CA GLU A 51 -16.72 8.74 -13.32
C GLU A 51 -15.72 8.11 -12.37
N PHE A 52 -15.29 6.90 -12.71
CA PHE A 52 -14.32 6.20 -11.86
C PHE A 52 -13.07 7.04 -11.65
N TYR A 53 -12.51 7.59 -12.73
CA TYR A 53 -11.31 8.41 -12.60
C TYR A 53 -11.58 9.70 -11.85
N GLN A 54 -12.81 10.22 -11.94
CA GLN A 54 -13.15 11.44 -11.22
C GLN A 54 -13.20 11.08 -9.74
N ALA A 55 -13.76 9.90 -9.43
CA ALA A 55 -13.84 9.44 -8.05
C ALA A 55 -12.45 9.24 -7.46
N VAL A 56 -11.56 8.63 -8.24
CA VAL A 56 -10.19 8.43 -7.77
C VAL A 56 -9.58 9.77 -7.37
N GLU A 57 -9.73 10.78 -8.21
CA GLU A 57 -9.18 12.10 -7.92
C GLU A 57 -9.77 12.69 -6.64
N GLU A 58 -11.04 12.39 -6.38
CA GLU A 58 -11.71 12.89 -5.19
C GLU A 58 -11.19 12.15 -3.97
N HIS A 59 -10.51 11.03 -4.22
CA HIS A 59 -9.94 10.22 -3.15
C HIS A 59 -8.45 10.47 -3.00
N GLY A 60 -7.98 11.61 -3.50
CA GLY A 60 -6.58 11.96 -3.38
C GLY A 60 -5.65 11.56 -4.51
N GLY A 61 -6.17 10.86 -5.52
CA GLY A 61 -5.31 10.44 -6.61
C GLY A 61 -5.10 8.94 -6.66
N ILE A 62 -4.60 8.44 -7.78
CA ILE A 62 -4.39 7.00 -7.95
C ILE A 62 -3.50 6.34 -6.90
N GLU A 63 -2.41 7.01 -6.54
CA GLU A 63 -1.50 6.45 -5.54
C GLU A 63 -2.17 6.44 -4.18
N LYS A 64 -2.77 7.57 -3.81
CA LYS A 64 -3.46 7.68 -2.53
C LYS A 64 -4.59 6.67 -2.44
N TYR A 65 -5.27 6.43 -3.56
CA TYR A 65 -6.39 5.48 -3.60
C TYR A 65 -5.98 4.02 -3.52
N MET A 66 -4.94 3.62 -4.25
CA MET A 66 -4.49 2.24 -4.25
C MET A 66 -4.07 1.75 -2.87
N HIS A 67 -3.77 2.69 -1.98
CA HIS A 67 -3.32 2.37 -0.64
C HIS A 67 -4.30 2.75 0.45
N SER A 68 -5.41 3.37 0.07
CA SER A 68 -6.43 3.79 1.03
C SER A 68 -7.06 2.54 1.61
N ASN A 69 -8.11 2.71 2.42
CA ASN A 69 -8.78 1.59 3.04
C ASN A 69 -9.93 1.05 2.20
N ILE A 70 -10.04 1.56 0.98
CA ILE A 70 -11.10 1.12 0.06
C ILE A 70 -10.49 0.19 -0.98
N SER A 71 -11.04 -1.01 -1.08
CA SER A 71 -10.55 -2.00 -2.03
C SER A 71 -11.12 -1.73 -3.42
N TRP A 72 -12.43 -1.48 -3.46
CA TRP A 72 -13.14 -1.20 -4.70
C TRP A 72 -14.19 -0.12 -4.47
N LEU A 73 -14.40 0.73 -5.46
CA LEU A 73 -15.43 1.76 -5.37
C LEU A 73 -16.66 1.22 -6.08
N LYS A 74 -17.84 1.67 -5.68
CA LYS A 74 -19.06 1.20 -6.32
C LYS A 74 -18.99 1.39 -7.84
N ILE A 75 -18.59 2.58 -8.28
CA ILE A 75 -18.50 2.84 -9.71
C ILE A 75 -17.46 1.95 -10.38
N GLU A 76 -16.40 1.61 -9.63
CA GLU A 76 -15.34 0.76 -10.15
C GLU A 76 -15.89 -0.65 -10.43
N LEU A 77 -16.78 -1.13 -9.56
CA LEU A 77 -17.38 -2.45 -9.77
C LEU A 77 -18.36 -2.42 -10.94
N GLU A 78 -19.07 -1.30 -11.08
CA GLU A 78 -20.00 -1.17 -12.19
C GLU A 78 -19.17 -1.25 -13.48
N LEU A 79 -18.05 -0.54 -13.48
CA LEU A 79 -17.15 -0.53 -14.65
C LEU A 79 -16.62 -1.94 -14.92
N LEU A 80 -16.23 -2.64 -13.85
CA LEU A 80 -15.72 -3.99 -13.98
C LEU A 80 -16.72 -4.89 -14.70
N SER A 81 -17.98 -4.87 -14.24
CA SER A 81 -19.00 -5.69 -14.85
C SER A 81 -19.22 -5.35 -16.32
N ALA A 82 -19.25 -4.06 -16.64
CA ALA A 82 -19.46 -3.62 -18.02
C ALA A 82 -18.28 -4.05 -18.91
N CYS A 83 -17.07 -3.93 -18.39
CA CYS A 83 -15.90 -4.31 -19.18
C CYS A 83 -15.85 -5.80 -19.46
N TYR A 84 -16.06 -6.64 -18.45
CA TYR A 84 -16.05 -8.08 -18.72
C TYR A 84 -17.18 -8.44 -19.68
N GLN A 85 -18.36 -7.87 -19.48
CA GLN A 85 -19.48 -8.19 -20.35
C GLN A 85 -19.23 -7.86 -21.82
N ILE A 86 -18.73 -6.68 -22.11
CA ILE A 86 -18.50 -6.32 -23.51
C ILE A 86 -17.38 -7.16 -24.13
N ALA A 87 -16.36 -7.49 -23.34
CA ALA A 87 -15.25 -8.29 -23.84
C ALA A 87 -15.68 -9.73 -24.10
N ILE A 88 -16.53 -10.27 -23.23
CA ILE A 88 -17.03 -11.63 -23.40
C ILE A 88 -17.88 -11.71 -24.66
N LEU A 89 -18.70 -10.68 -24.89
CA LEU A 89 -19.54 -10.66 -26.08
C LEU A 89 -18.68 -10.60 -27.32
N GLU A 90 -17.47 -10.05 -27.18
CA GLU A 90 -16.53 -9.97 -28.29
C GLU A 90 -15.64 -11.21 -28.34
N ASP A 91 -16.11 -12.28 -27.71
CA ASP A 91 -15.42 -13.57 -27.70
C ASP A 91 -14.07 -13.68 -27.00
N MET A 92 -13.77 -12.79 -26.06
CA MET A 92 -12.50 -12.89 -25.36
C MET A 92 -12.60 -13.87 -24.21
N LYS A 93 -11.50 -14.58 -23.95
CA LYS A 93 -11.47 -15.55 -22.86
C LYS A 93 -11.29 -14.80 -21.55
N VAL A 94 -11.86 -15.34 -20.48
CA VAL A 94 -11.76 -14.69 -19.18
C VAL A 94 -10.35 -14.32 -18.75
N LEU A 95 -9.42 -15.26 -18.85
CA LEU A 95 -8.03 -14.99 -18.46
C LEU A 95 -7.47 -13.81 -19.24
N ASP A 96 -7.80 -13.73 -20.53
CA ASP A 96 -7.32 -12.65 -21.37
C ASP A 96 -7.95 -11.31 -20.99
N ILE A 97 -9.19 -11.33 -20.55
CA ILE A 97 -9.86 -10.10 -20.16
C ILE A 97 -9.21 -9.55 -18.90
N SER A 98 -9.01 -10.42 -17.91
CA SER A 98 -8.39 -10.00 -16.65
C SER A 98 -7.02 -9.37 -16.92
N GLU A 99 -6.26 -9.99 -17.82
CA GLU A 99 -4.94 -9.45 -18.17
C GLU A 99 -5.07 -8.08 -18.86
N MET A 100 -5.90 -8.02 -19.90
CA MET A 100 -6.12 -6.78 -20.65
C MET A 100 -6.51 -5.56 -19.80
N LEU A 101 -7.46 -5.75 -18.89
CA LEU A 101 -7.95 -4.63 -18.07
C LEU A 101 -7.00 -4.19 -16.96
N SER A 102 -6.05 -5.06 -16.64
CA SER A 102 -5.12 -4.84 -15.54
C SER A 102 -3.89 -3.95 -15.76
N LEU A 103 -3.13 -3.83 -14.68
CA LEU A 103 -1.89 -3.07 -14.64
C LEU A 103 -0.87 -3.64 -15.64
N ASN A 104 -1.07 -4.89 -16.06
CA ASN A 104 -0.15 -5.53 -17.01
C ASN A 104 -0.36 -5.05 -18.44
N ASP A 105 -1.47 -4.37 -18.71
CA ASP A 105 -1.75 -3.95 -20.07
C ASP A 105 -2.43 -2.59 -20.19
N LEU A 106 -3.75 -2.57 -20.41
CA LEU A 106 -4.45 -1.30 -20.58
C LEU A 106 -4.53 -0.43 -19.34
N ARG A 107 -4.47 -1.04 -18.16
CA ARG A 107 -4.52 -0.28 -16.92
C ARG A 107 -5.84 0.47 -16.76
N ILE A 108 -6.93 -0.13 -17.24
CA ILE A 108 -8.26 0.48 -17.08
C ILE A 108 -8.47 0.59 -15.57
N PHE A 109 -8.04 -0.44 -14.85
CA PHE A 109 -8.13 -0.52 -13.39
C PHE A 109 -6.73 -0.56 -12.79
N PRO A 110 -6.54 0.00 -11.59
CA PRO A 110 -5.25 0.00 -10.91
C PRO A 110 -5.18 -1.31 -10.12
N LYS A 111 -5.46 -2.40 -10.83
CA LYS A 111 -5.51 -3.72 -10.23
C LYS A 111 -4.76 -4.76 -11.04
N THR A 112 -4.34 -5.83 -10.37
CA THR A 112 -3.65 -6.95 -11.01
C THR A 112 -4.71 -7.85 -11.64
N PRO A 113 -4.30 -8.75 -12.54
CA PRO A 113 -5.27 -9.65 -13.18
C PRO A 113 -6.03 -10.49 -12.14
N SER A 114 -5.35 -10.91 -11.07
CA SER A 114 -6.03 -11.72 -10.05
C SER A 114 -7.01 -10.89 -9.22
N GLN A 115 -6.67 -9.65 -8.89
CA GLN A 115 -7.61 -8.85 -8.13
C GLN A 115 -8.88 -8.70 -8.96
N LEU A 116 -8.71 -8.46 -10.25
CA LEU A 116 -9.84 -8.30 -11.15
C LEU A 116 -10.65 -9.60 -11.29
N GLN A 117 -9.96 -10.71 -11.59
CA GLN A 117 -10.66 -11.97 -11.77
C GLN A 117 -11.32 -12.53 -10.51
N ASN A 118 -10.63 -12.47 -9.37
CA ASN A 118 -11.25 -12.99 -8.13
C ASN A 118 -12.49 -12.18 -7.81
N THR A 119 -12.41 -10.87 -7.98
CA THR A 119 -13.53 -9.99 -7.69
C THR A 119 -14.68 -10.20 -8.65
N TYR A 120 -14.36 -10.44 -9.92
CA TYR A 120 -15.38 -10.69 -10.93
C TYR A 120 -16.22 -11.90 -10.51
N TYR A 121 -15.57 -12.98 -10.10
CA TYR A 121 -16.32 -14.15 -9.70
C TYR A 121 -17.08 -13.99 -8.39
N LYS A 122 -16.54 -13.21 -7.46
CA LYS A 122 -17.24 -13.00 -6.19
C LYS A 122 -18.51 -12.21 -6.50
N LEU A 123 -18.39 -11.29 -7.44
CA LEU A 123 -19.50 -10.45 -7.86
C LEU A 123 -20.59 -11.31 -8.51
N LYS A 124 -20.18 -12.26 -9.36
CA LYS A 124 -21.12 -13.15 -10.03
C LYS A 124 -21.79 -14.12 -9.07
N LYS A 125 -21.04 -14.54 -8.05
CA LYS A 125 -21.53 -15.47 -7.04
C LYS A 125 -22.30 -14.73 -5.96
N GLU A 126 -22.39 -13.42 -6.10
CA GLU A 126 -23.08 -12.55 -5.15
C GLU A 126 -22.51 -12.62 -3.75
N LEU A 127 -21.20 -12.81 -3.64
CA LEU A 127 -20.54 -12.86 -2.35
C LEU A 127 -20.27 -11.42 -1.92
N ILE A 128 -20.35 -10.51 -2.87
CA ILE A 128 -20.16 -9.09 -2.62
C ILE A 128 -21.21 -8.33 -3.41
N GLN A 129 -21.51 -7.11 -2.99
CA GLN A 129 -22.51 -6.30 -3.66
C GLN A 129 -21.86 -5.17 -4.44
N VAL A 130 -22.64 -4.56 -5.33
CA VAL A 130 -22.16 -3.43 -6.12
C VAL A 130 -22.23 -2.21 -5.20
N GLU A 131 -21.14 -2.00 -4.47
CA GLU A 131 -21.03 -0.90 -3.51
C GLU A 131 -19.56 -0.81 -3.11
N ASP A 132 -19.18 0.26 -2.44
CA ASP A 132 -17.81 0.40 -1.99
C ASP A 132 -17.47 -0.83 -1.17
N ILE A 133 -16.28 -1.40 -1.41
CA ILE A 133 -15.82 -2.57 -0.68
C ILE A 133 -14.57 -2.16 0.09
N PRO A 134 -14.62 -2.24 1.43
CA PRO A 134 -13.45 -1.86 2.22
C PRO A 134 -12.38 -2.96 2.23
N LYS A 135 -11.13 -2.57 2.43
CA LYS A 135 -10.03 -3.53 2.51
C LYS A 135 -10.08 -4.15 3.89
N ASN A 136 -10.54 -5.39 3.99
CA ASN A 136 -10.63 -6.05 5.29
C ASN A 136 -9.25 -6.56 5.72
N LYS A 137 -8.91 -6.33 6.98
CA LYS A 137 -7.61 -6.77 7.49
C LYS A 137 -7.57 -8.25 7.82
N PRO A 138 -6.40 -8.87 7.66
CA PRO A 138 -6.25 -10.29 7.95
C PRO A 138 -6.14 -10.46 9.47
N GLY A 139 -5.90 -11.68 9.92
CA GLY A 139 -5.75 -11.93 11.34
C GLY A 139 -6.92 -12.53 12.09
N ARG A 140 -6.62 -13.17 13.20
CA ARG A 140 -7.64 -13.77 14.05
C ARG A 140 -8.63 -12.71 14.49
N LYS A 141 -9.86 -13.13 14.78
CA LYS A 141 -10.87 -12.19 15.26
C LYS A 141 -10.67 -12.08 16.77
N ARG A 142 -10.94 -10.91 17.32
CA ARG A 142 -10.79 -10.69 18.75
C ARG A 142 -11.75 -11.60 19.53
N LYS A 143 -11.30 -12.05 20.71
CA LYS A 143 -12.11 -12.92 21.55
C LYS A 143 -13.46 -12.29 21.88
N SER B 4 9.75 3.52 34.75
CA SER B 4 10.80 3.80 33.73
C SER B 4 10.43 5.00 32.85
N GLU B 5 11.43 5.70 32.35
CA GLU B 5 11.20 6.85 31.48
C GLU B 5 11.70 6.54 30.07
N ILE B 6 11.78 5.25 29.74
CA ILE B 6 12.25 4.86 28.42
C ILE B 6 11.36 5.36 27.30
N ARG B 7 10.03 5.38 27.51
CA ARG B 7 9.15 5.88 26.46
C ARG B 7 9.40 7.36 26.17
N LYS B 8 9.48 8.18 27.20
CA LYS B 8 9.72 9.59 26.97
C LYS B 8 11.10 9.84 26.36
N LEU B 9 12.08 9.00 26.70
CA LEU B 9 13.41 9.15 26.11
C LEU B 9 13.36 8.86 24.61
N LEU B 10 12.75 7.74 24.24
CA LEU B 10 12.66 7.41 22.82
C LEU B 10 11.87 8.48 22.06
N GLN B 11 10.82 8.99 22.70
CA GLN B 11 10.00 10.03 22.09
C GLN B 11 10.86 11.27 21.79
N GLU B 12 11.70 11.65 22.75
CA GLU B 12 12.56 12.82 22.58
C GLU B 12 13.63 12.51 21.53
N ILE B 13 14.13 11.29 21.51
CA ILE B 13 15.13 10.92 20.49
C ILE B 13 14.52 11.14 19.10
N LYS B 14 13.29 10.67 18.88
CA LYS B 14 12.66 10.85 17.58
C LYS B 14 12.40 12.34 17.31
N LYS B 15 11.99 13.07 18.34
CA LYS B 15 11.75 14.51 18.19
C LYS B 15 13.01 15.20 17.65
N GLN B 16 14.17 14.80 18.16
CA GLN B 16 15.44 15.38 17.74
C GLN B 16 15.80 14.95 16.31
N VAL B 17 15.61 13.68 16.00
CA VAL B 17 15.90 13.19 14.65
C VAL B 17 15.04 13.92 13.62
N ASP B 18 13.79 14.22 13.99
CA ASP B 18 12.90 14.90 13.07
C ASP B 18 13.24 16.39 12.91
N ASN B 19 14.02 16.93 13.84
CA ASN B 19 14.43 18.34 13.81
C ASN B 19 15.74 18.47 14.58
N PRO B 20 16.84 17.94 14.01
CA PRO B 20 18.17 17.95 14.61
C PRO B 20 18.89 19.29 14.68
N GLY B 21 19.68 19.45 15.75
CA GLY B 21 20.46 20.65 15.97
C GLY B 21 21.81 20.24 16.54
N ASN B 22 22.73 21.18 16.71
CA ASN B 22 24.04 20.86 17.25
C ASN B 22 24.03 20.40 18.71
N SER B 23 22.89 20.56 19.39
CA SER B 23 22.81 20.14 20.79
C SER B 23 21.95 18.88 20.97
N SER B 24 21.47 18.33 19.87
CA SER B 24 20.61 17.15 19.94
C SER B 24 21.19 15.99 20.76
N THR B 25 22.39 15.53 20.42
CA THR B 25 22.97 14.40 21.13
C THR B 25 23.32 14.72 22.56
N THR B 26 23.64 15.98 22.83
CA THR B 26 23.98 16.36 24.19
C THR B 26 22.74 16.30 25.07
N GLU B 27 21.62 16.76 24.52
CA GLU B 27 20.35 16.76 25.24
C GLU B 27 19.89 15.34 25.49
N ILE B 28 20.09 14.46 24.52
CA ILE B 28 19.69 13.07 24.66
C ILE B 28 20.53 12.39 25.74
N LYS B 29 21.83 12.69 25.78
CA LYS B 29 22.71 12.10 26.79
C LYS B 29 22.23 12.52 28.17
N LYS B 30 21.94 13.81 28.31
CA LYS B 30 21.48 14.35 29.59
C LYS B 30 20.18 13.68 30.04
N MET B 31 19.21 13.59 29.13
CA MET B 31 17.93 12.96 29.46
C MET B 31 18.12 11.51 29.88
N ALA B 32 18.97 10.78 29.17
CA ALA B 32 19.23 9.39 29.49
C ALA B 32 19.86 9.31 30.89
N SER B 33 20.85 10.15 31.14
CA SER B 33 21.53 10.16 32.42
C SER B 33 20.56 10.40 33.58
N GLU B 34 19.73 11.43 33.46
CA GLU B 34 18.78 11.75 34.51
C GLU B 34 17.76 10.65 34.75
N ALA B 35 17.55 9.80 33.75
CA ALA B 35 16.60 8.70 33.88
C ALA B 35 17.30 7.40 34.28
N GLY B 36 18.63 7.44 34.37
CA GLY B 36 19.37 6.25 34.73
C GLY B 36 19.40 5.23 33.59
N ILE B 37 19.15 5.69 32.37
CA ILE B 37 19.17 4.80 31.21
C ILE B 37 20.55 4.88 30.58
N ASP B 38 21.05 3.73 30.13
CA ASP B 38 22.38 3.67 29.52
C ASP B 38 22.53 4.69 28.40
N GLU B 39 23.49 5.59 28.57
CA GLU B 39 23.72 6.65 27.59
C GLU B 39 24.20 6.15 26.23
N GLN B 40 25.08 5.16 26.22
CA GLN B 40 25.60 4.66 24.96
C GLN B 40 24.50 4.06 24.07
N THR B 41 23.63 3.24 24.65
CA THR B 41 22.56 2.63 23.88
C THR B 41 21.55 3.69 23.41
N ALA B 42 21.35 4.72 24.23
CA ALA B 42 20.45 5.81 23.87
C ALA B 42 20.99 6.53 22.63
N GLU B 43 22.28 6.84 22.64
CA GLU B 43 22.87 7.54 21.49
C GLU B 43 22.90 6.62 20.26
N GLU B 44 23.16 5.33 20.47
CA GLU B 44 23.17 4.39 19.35
C GLU B 44 21.83 4.43 18.62
N ILE B 45 20.76 4.45 19.39
CA ILE B 45 19.42 4.49 18.80
C ILE B 45 19.21 5.80 18.04
N TYR B 46 19.67 6.92 18.58
CA TYR B 46 19.55 8.20 17.88
C TYR B 46 20.23 8.10 16.52
N HIS B 47 21.42 7.51 16.47
CA HIS B 47 22.13 7.42 15.22
C HIS B 47 21.51 6.39 14.27
N LEU B 48 21.01 5.29 14.79
CA LEU B 48 20.36 4.29 13.93
C LEU B 48 19.09 4.90 13.36
N LEU B 49 18.34 5.62 14.19
CA LEU B 49 17.09 6.24 13.74
C LEU B 49 17.37 7.27 12.65
N THR B 50 18.43 8.06 12.84
CA THR B 50 18.79 9.08 11.86
C THR B 50 19.04 8.42 10.50
N GLU B 51 19.81 7.34 10.51
CA GLU B 51 20.11 6.61 9.28
C GLU B 51 18.84 6.05 8.64
N PHE B 52 18.00 5.43 9.45
CA PHE B 52 16.77 4.87 8.95
C PHE B 52 15.93 5.93 8.23
N TYR B 53 15.74 7.08 8.86
CA TYR B 53 14.96 8.13 8.24
C TYR B 53 15.64 8.70 6.99
N GLN B 54 16.97 8.67 6.96
CA GLN B 54 17.69 9.15 5.79
C GLN B 54 17.44 8.15 4.67
N ALA B 55 17.46 6.86 5.01
CA ALA B 55 17.22 5.80 4.03
C ALA B 55 15.81 5.92 3.46
N VAL B 56 14.83 6.16 4.33
CA VAL B 56 13.46 6.31 3.87
C VAL B 56 13.37 7.42 2.82
N GLU B 57 14.00 8.56 3.11
CA GLU B 57 13.98 9.68 2.17
C GLU B 57 14.63 9.31 0.83
N GLU B 58 15.64 8.45 0.88
CA GLU B 58 16.32 8.02 -0.33
C GLU B 58 15.43 7.07 -1.10
N HIS B 59 14.40 6.56 -0.42
CA HIS B 59 13.45 5.65 -1.04
C HIS B 59 12.16 6.36 -1.44
N GLY B 60 12.25 7.67 -1.59
CA GLY B 60 11.09 8.45 -2.01
C GLY B 60 10.19 9.03 -0.92
N GLY B 61 10.49 8.76 0.34
CA GLY B 61 9.67 9.28 1.40
C GLY B 61 8.89 8.19 2.12
N ILE B 62 8.35 8.52 3.29
CA ILE B 62 7.61 7.57 4.10
C ILE B 62 6.43 6.90 3.39
N GLU B 63 5.65 7.67 2.65
CA GLU B 63 4.50 7.12 1.95
C GLU B 63 4.97 6.21 0.82
N LYS B 64 5.93 6.69 0.04
CA LYS B 64 6.47 5.91 -1.07
C LYS B 64 7.10 4.61 -0.54
N TYR B 65 7.73 4.68 0.62
CA TYR B 65 8.38 3.52 1.22
C TYR B 65 7.42 2.48 1.79
N MET B 66 6.40 2.94 2.52
CA MET B 66 5.44 2.02 3.13
C MET B 66 4.72 1.14 2.09
N HIS B 67 4.73 1.59 0.85
CA HIS B 67 4.05 0.87 -0.22
C HIS B 67 4.98 0.28 -1.27
N SER B 68 6.29 0.52 -1.10
CA SER B 68 7.27 -0.02 -2.03
C SER B 68 7.30 -1.53 -1.89
N ASN B 69 8.24 -2.18 -2.57
CA ASN B 69 8.34 -3.63 -2.52
C ASN B 69 9.28 -4.11 -1.39
N ILE B 70 9.70 -3.18 -0.55
CA ILE B 70 10.59 -3.50 0.57
C ILE B 70 9.78 -3.50 1.85
N SER B 71 9.81 -4.62 2.57
CA SER B 71 9.08 -4.76 3.81
C SER B 71 9.85 -4.12 4.97
N TRP B 72 11.15 -4.42 5.02
CA TRP B 72 12.04 -3.88 6.05
C TRP B 72 13.39 -3.57 5.44
N LEU B 73 14.02 -2.51 5.93
CA LEU B 73 15.35 -2.13 5.46
C LEU B 73 16.34 -2.72 6.47
N LYS B 74 17.56 -3.01 6.03
CA LYS B 74 18.54 -3.56 6.94
C LYS B 74 18.71 -2.66 8.18
N ILE B 75 18.86 -1.36 7.96
CA ILE B 75 19.04 -0.44 9.08
C ILE B 75 17.79 -0.43 9.98
N GLU B 76 16.63 -0.63 9.37
CA GLU B 76 15.37 -0.64 10.13
C GLU B 76 15.35 -1.84 11.08
N LEU B 77 15.89 -2.98 10.65
CA LEU B 77 15.92 -4.16 11.52
C LEU B 77 16.96 -3.96 12.62
N GLU B 78 18.06 -3.29 12.30
CA GLU B 78 19.08 -3.03 13.31
C GLU B 78 18.43 -2.15 14.38
N LEU B 79 17.67 -1.16 13.94
CA LEU B 79 16.98 -0.24 14.86
C LEU B 79 15.97 -1.02 15.70
N LEU B 80 15.23 -1.92 15.05
CA LEU B 80 14.23 -2.72 15.75
C LEU B 80 14.88 -3.48 16.91
N SER B 81 15.98 -4.18 16.63
CA SER B 81 16.65 -4.95 17.67
C SER B 81 17.15 -4.07 18.82
N ALA B 82 17.71 -2.91 18.48
CA ALA B 82 18.21 -2.00 19.50
C ALA B 82 17.07 -1.45 20.37
N CYS B 83 15.95 -1.13 19.73
CA CYS B 83 14.81 -0.60 20.47
C CYS B 83 14.20 -1.62 21.42
N TYR B 84 13.96 -2.83 20.95
CA TYR B 84 13.42 -3.85 21.86
C TYR B 84 14.41 -4.12 23.00
N GLN B 85 15.69 -4.23 22.67
CA GLN B 85 16.68 -4.51 23.70
C GLN B 85 16.74 -3.46 24.81
N ILE B 86 16.76 -2.19 24.45
CA ILE B 86 16.85 -1.15 25.49
C ILE B 86 15.56 -1.09 26.32
N ALA B 87 14.41 -1.31 25.67
CA ALA B 87 13.14 -1.27 26.37
C ALA B 87 12.99 -2.46 27.32
N ILE B 88 13.46 -3.62 26.90
CA ILE B 88 13.39 -4.81 27.74
C ILE B 88 14.28 -4.62 28.97
N LEU B 89 15.45 -4.02 28.78
CA LEU B 89 16.35 -3.78 29.89
C LEU B 89 15.71 -2.80 30.86
N GLU B 90 14.82 -1.97 30.35
CA GLU B 90 14.10 -1.01 31.19
C GLU B 90 12.80 -1.60 31.73
N ASP B 91 12.74 -2.93 31.72
CA ASP B 91 11.60 -3.68 32.25
C ASP B 91 10.26 -3.57 31.56
N MET B 92 10.24 -3.18 30.28
CA MET B 92 8.97 -3.10 29.58
C MET B 92 8.55 -4.46 29.04
N LYS B 93 7.25 -4.71 29.04
CA LYS B 93 6.73 -5.98 28.53
C LYS B 93 6.72 -5.93 27.01
N VAL B 94 6.91 -7.09 26.39
CA VAL B 94 6.95 -7.15 24.94
C VAL B 94 5.76 -6.51 24.24
N LEU B 95 4.54 -6.83 24.67
CA LEU B 95 3.34 -6.26 24.06
C LEU B 95 3.38 -4.73 24.13
N ASP B 96 3.84 -4.20 25.24
CA ASP B 96 3.92 -2.75 25.42
C ASP B 96 4.97 -2.13 24.53
N ILE B 97 6.07 -2.85 24.29
CA ILE B 97 7.12 -2.32 23.43
C ILE B 97 6.62 -2.23 22.00
N SER B 98 5.98 -3.29 21.52
CA SER B 98 5.45 -3.32 20.16
C SER B 98 4.47 -2.15 19.95
N GLU B 99 3.63 -1.91 20.94
CA GLU B 99 2.67 -0.81 20.87
C GLU B 99 3.41 0.54 20.83
N MET B 100 4.29 0.75 21.80
CA MET B 100 5.05 2.01 21.90
C MET B 100 5.82 2.41 20.64
N LEU B 101 6.51 1.47 20.01
CA LEU B 101 7.30 1.77 18.82
C LEU B 101 6.51 1.97 17.55
N SER B 102 5.26 1.49 17.57
CA SER B 102 4.39 1.52 16.40
C SER B 102 3.63 2.80 16.05
N LEU B 103 2.89 2.69 14.97
CA LEU B 103 2.04 3.77 14.45
C LEU B 103 0.99 4.18 15.48
N ASN B 104 0.72 3.33 16.46
CA ASN B 104 -0.27 3.62 17.49
C ASN B 104 0.26 4.60 18.55
N ASP B 105 1.56 4.82 18.57
CA ASP B 105 2.12 5.69 19.60
C ASP B 105 3.30 6.54 19.13
N LEU B 106 4.52 6.14 19.46
CA LEU B 106 5.69 6.95 19.08
C LEU B 106 5.97 7.02 17.59
N ARG B 107 5.56 6.01 16.84
CA ARG B 107 5.77 6.00 15.41
C ARG B 107 7.26 6.00 15.05
N ILE B 108 8.06 5.33 15.86
CA ILE B 108 9.50 5.20 15.59
C ILE B 108 9.59 4.51 14.22
N PHE B 109 8.72 3.51 14.04
CA PHE B 109 8.61 2.73 12.80
C PHE B 109 7.25 2.97 12.15
N PRO B 110 7.19 2.91 10.81
CA PRO B 110 5.94 3.10 10.08
C PRO B 110 5.28 1.72 10.00
N LYS B 111 5.18 1.08 11.17
CA LYS B 111 4.64 -0.26 11.27
C LYS B 111 3.63 -0.40 12.39
N THR B 112 2.76 -1.40 12.27
CA THR B 112 1.75 -1.70 13.29
C THR B 112 2.43 -2.53 14.37
N PRO B 113 1.78 -2.66 15.55
CA PRO B 113 2.39 -3.46 16.63
C PRO B 113 2.65 -4.91 16.19
N SER B 114 1.75 -5.47 15.38
CA SER B 114 1.93 -6.86 14.93
C SER B 114 3.07 -6.99 13.93
N GLN B 115 3.22 -6.04 13.02
CA GLN B 115 4.32 -6.12 12.07
C GLN B 115 5.63 -6.12 12.86
N LEU B 116 5.69 -5.25 13.86
CA LEU B 116 6.88 -5.14 14.70
C LEU B 116 7.12 -6.42 15.51
N GLN B 117 6.09 -6.88 16.23
CA GLN B 117 6.25 -8.06 17.05
C GLN B 117 6.50 -9.37 16.29
N ASN B 118 5.78 -9.58 15.18
CA ASN B 118 6.00 -10.82 14.41
C ASN B 118 7.43 -10.83 13.87
N THR B 119 7.89 -9.67 13.40
CA THR B 119 9.23 -9.55 12.85
C THR B 119 10.30 -9.72 13.91
N TYR B 120 10.04 -9.19 15.10
CA TYR B 120 10.98 -9.32 16.21
C TYR B 120 11.23 -10.80 16.49
N TYR B 121 10.15 -11.59 16.58
CA TYR B 121 10.35 -13.00 16.85
C TYR B 121 10.97 -13.79 15.71
N LYS B 122 10.68 -13.41 14.48
CA LYS B 122 11.28 -14.11 13.34
C LYS B 122 12.78 -13.84 13.38
N LEU B 123 13.13 -12.61 13.76
CA LEU B 123 14.52 -12.20 13.85
C LEU B 123 15.24 -13.00 14.93
N LYS B 124 14.58 -13.18 16.08
CA LYS B 124 15.16 -13.93 17.18
C LYS B 124 15.28 -15.42 16.87
N LYS B 125 14.34 -15.93 16.09
CA LYS B 125 14.31 -17.34 15.71
C LYS B 125 15.19 -17.58 14.49
N GLU B 126 15.79 -16.50 14.00
CA GLU B 126 16.67 -16.53 12.84
C GLU B 126 15.99 -17.03 11.57
N LEU B 127 14.70 -16.72 11.44
CA LEU B 127 13.95 -17.11 10.26
C LEU B 127 14.22 -16.08 9.18
N ILE B 128 14.76 -14.93 9.59
CA ILE B 128 15.12 -13.87 8.69
C ILE B 128 16.46 -13.30 9.13
N GLN B 129 17.16 -12.66 8.21
CA GLN B 129 18.46 -12.09 8.52
C GLN B 129 18.40 -10.57 8.60
N VAL B 130 19.45 -9.98 9.18
CA VAL B 130 19.53 -8.53 9.28
C VAL B 130 19.98 -8.03 7.91
N GLU B 131 18.99 -7.78 7.05
CA GLU B 131 19.23 -7.32 5.70
C GLU B 131 17.89 -6.87 5.14
N ASP B 132 17.90 -6.18 4.01
CA ASP B 132 16.64 -5.73 3.40
C ASP B 132 15.76 -6.96 3.23
N ILE B 133 14.49 -6.83 3.59
CA ILE B 133 13.52 -7.93 3.45
C ILE B 133 12.46 -7.48 2.44
N PRO B 134 12.34 -8.19 1.32
CA PRO B 134 11.34 -7.80 0.33
C PRO B 134 9.93 -8.25 0.73
N LYS B 135 8.92 -7.54 0.24
CA LYS B 135 7.53 -7.91 0.51
C LYS B 135 7.18 -9.07 -0.42
N ASN B 136 7.11 -10.27 0.13
CA ASN B 136 6.79 -11.44 -0.68
C ASN B 136 5.30 -11.50 -0.97
N LYS B 137 4.93 -11.79 -2.21
CA LYS B 137 3.53 -11.86 -2.58
C LYS B 137 2.87 -13.17 -2.18
N PRO B 138 1.57 -13.12 -1.87
CA PRO B 138 0.85 -14.32 -1.47
C PRO B 138 0.53 -15.12 -2.74
N GLY B 139 -0.22 -16.20 -2.57
CA GLY B 139 -0.61 -17.02 -3.71
C GLY B 139 0.16 -18.29 -3.97
N ARG B 140 -0.49 -19.22 -4.67
CA ARG B 140 0.12 -20.50 -5.02
C ARG B 140 1.40 -20.25 -5.79
N LYS B 141 2.32 -21.20 -5.74
CA LYS B 141 3.56 -21.09 -6.48
C LYS B 141 3.28 -21.64 -7.88
N ARG B 142 3.93 -21.08 -8.89
CA ARG B 142 3.72 -21.52 -10.26
C ARG B 142 4.16 -22.97 -10.42
N LYS B 143 3.46 -23.72 -11.28
CA LYS B 143 3.76 -25.13 -11.52
C LYS B 143 5.22 -25.32 -11.96
#